data_3ZW7
#
_entry.id   3ZW7
#
_cell.length_a   39.794
_cell.length_b   70.804
_cell.length_c   92.770
_cell.angle_alpha   90.00
_cell.angle_beta   95.54
_cell.angle_gamma   90.00
#
_symmetry.space_group_name_H-M   'P 1 21 1'
#
loop_
_entity.id
_entity.type
_entity.pdbx_description
1 polymer 'MANNOSYL-3-PHOSPHOGLYCERATE PHOSPHATASE'
2 non-polymer 'MAGNESIUM ION'
3 non-polymer 'PHOSPHATE ION'
4 non-polymer 'CHLORIDE ION'
5 non-polymer 'PHOSPHITE ION'
6 non-polymer '(2R)-3-hydroxy-2-(alpha-D-mannopyranosyloxy)propanoic acid'
7 water water
#
_entity_poly.entity_id   1
_entity_poly.type   'polypeptide(L)'
_entity_poly.pdbx_seq_one_letter_code
;MIVFTDLDGTLLDERGELGPAREALERLRALGVPVVPVTAKTRKEVEALGLEPPFIVENGGGLYLPRDWPVRAGRPKGGY
RVVSLAWPYRKVRARLREAEALAGRPILGYGDLTAEAVARLTGLSREAARRAKAREYDETLVLCPEEVEAVLEALEAVGL
EWTHGGRFYHAAKGADKGRAVARLRALWPDPEEARFAVGLGDSLNDLPLFRAVDLAVYVGRGDPPEGVLATPAPGPEGFR
YAVERYLLPRLSRRGGSGP
;
_entity_poly.pdbx_strand_id   A,B
#
loop_
_chem_comp.id
_chem_comp.type
_chem_comp.name
_chem_comp.formula
2M8 D-saccharide, alpha linking '(2R)-3-hydroxy-2-(alpha-D-mannopyranosyloxy)propanoic acid' 'C9 H16 O9'
CL non-polymer 'CHLORIDE ION' 'Cl -1'
MG non-polymer 'MAGNESIUM ION' 'Mg 2'
PO3 non-polymer 'PHOSPHITE ION' 'O3 P -3'
PO4 non-polymer 'PHOSPHATE ION' 'O4 P -3'
#
# COMPACT_ATOMS: atom_id res chain seq x y z
N MET A 1 -32.67 24.87 16.98
CA MET A 1 -31.96 23.62 17.22
C MET A 1 -31.34 23.09 15.91
N ILE A 2 -30.06 22.75 15.96
CA ILE A 2 -29.41 22.08 14.84
C ILE A 2 -28.89 20.74 15.34
N VAL A 3 -29.12 19.67 14.58
CA VAL A 3 -28.56 18.37 14.96
C VAL A 3 -27.34 18.03 14.13
N PHE A 4 -26.18 17.93 14.78
CA PHE A 4 -24.95 17.53 14.11
C PHE A 4 -24.81 16.05 14.36
N THR A 5 -24.58 15.27 13.32
CA THR A 5 -24.55 13.83 13.51
C THR A 5 -23.39 13.13 12.82
N ASP A 6 -22.74 12.25 13.57
CA ASP A 6 -21.78 11.34 12.99
C ASP A 6 -22.56 10.40 12.04
N LEU A 7 -21.90 9.82 11.04
CA LEU A 7 -22.60 8.89 10.15
C LEU A 7 -22.38 7.42 10.53
N ASP A 8 -21.17 6.91 10.35
CA ASP A 8 -20.92 5.48 10.58
C ASP A 8 -21.17 5.09 12.03
N GLY A 9 -21.99 4.06 12.23
CA GLY A 9 -22.28 3.58 13.56
C GLY A 9 -23.21 4.47 14.36
N THR A 10 -23.57 5.62 13.80
CA THR A 10 -24.49 6.55 14.46
C THR A 10 -25.79 6.64 13.69
N LEU A 11 -25.76 7.35 12.56
CA LEU A 11 -26.93 7.48 11.69
C LEU A 11 -27.10 6.23 10.84
N LEU A 12 -25.97 5.62 10.47
CA LEU A 12 -25.97 4.45 9.62
C LEU A 12 -25.77 3.19 10.46
N ASP A 13 -26.43 2.10 10.05
CA ASP A 13 -26.31 0.84 10.77
C ASP A 13 -25.10 0.04 10.30
N GLU A 14 -25.11 -1.26 10.57
CA GLU A 14 -23.97 -2.13 10.27
C GLU A 14 -23.81 -2.37 8.78
N ARG A 15 -24.93 -2.34 8.06
CA ARG A 15 -24.93 -2.55 6.61
C ARG A 15 -24.70 -1.24 5.85
N GLY A 16 -24.39 -0.19 6.58
CA GLY A 16 -24.12 1.12 6.00
C GLY A 16 -25.38 1.81 5.47
N GLU A 17 -26.51 1.51 6.09
CA GLU A 17 -27.78 2.08 5.65
C GLU A 17 -28.48 2.80 6.79
N LEU A 18 -29.81 2.81 6.77
CA LEU A 18 -30.58 3.52 7.80
C LEU A 18 -31.31 2.57 8.76
N GLY A 19 -32.60 2.37 8.51
CA GLY A 19 -33.41 1.55 9.38
C GLY A 19 -34.17 2.37 10.40
N PRO A 20 -33.91 2.13 11.69
CA PRO A 20 -34.57 2.86 12.78
C PRO A 20 -34.38 4.38 12.67
N ALA A 21 -33.30 4.81 12.03
CA ALA A 21 -32.97 6.23 11.96
C ALA A 21 -33.71 6.98 10.84
N ARG A 22 -34.23 6.23 9.87
CA ARG A 22 -34.97 6.83 8.77
CA ARG A 22 -34.97 6.82 8.77
C ARG A 22 -36.20 7.56 9.28
N GLU A 23 -36.98 6.89 10.12
CA GLU A 23 -38.15 7.49 10.74
C GLU A 23 -37.75 8.67 11.63
N ALA A 24 -36.68 8.49 12.39
CA ALA A 24 -36.17 9.56 13.25
C ALA A 24 -35.85 10.80 12.42
N LEU A 25 -35.15 10.60 11.29
CA LEU A 25 -34.79 11.70 10.42
C LEU A 25 -36.02 12.38 9.81
N GLU A 26 -36.97 11.58 9.34
CA GLU A 26 -38.18 12.14 8.72
C GLU A 26 -38.90 13.02 9.73
N ARG A 27 -38.93 12.57 10.97
CA ARG A 27 -39.56 13.30 12.05
C ARG A 27 -38.88 14.67 12.28
N LEU A 28 -37.55 14.69 12.33
CA LEU A 28 -36.82 15.95 12.46
C LEU A 28 -37.11 16.88 11.30
N ARG A 29 -37.07 16.34 10.09
CA ARG A 29 -37.43 17.09 8.88
C ARG A 29 -38.79 17.77 9.05
N ALA A 30 -39.78 16.99 9.44
CA ALA A 30 -41.15 17.47 9.59
C ALA A 30 -41.24 18.65 10.55
N LEU A 31 -40.41 18.66 11.59
CA LEU A 31 -40.44 19.73 12.57
C LEU A 31 -39.54 20.89 12.17
N GLY A 32 -38.94 20.77 10.99
CA GLY A 32 -38.03 21.78 10.47
C GLY A 32 -36.68 21.84 11.17
N VAL A 33 -36.20 20.70 11.65
CA VAL A 33 -34.92 20.64 12.37
C VAL A 33 -33.79 20.25 11.42
N PRO A 34 -32.85 21.18 11.17
CA PRO A 34 -31.74 20.82 10.29
C PRO A 34 -30.87 19.72 10.87
N VAL A 35 -30.44 18.80 10.02
CA VAL A 35 -29.55 17.75 10.42
C VAL A 35 -28.30 17.90 9.57
N VAL A 36 -27.15 17.99 10.22
CA VAL A 36 -25.89 18.22 9.54
C VAL A 36 -24.93 17.05 9.74
N PRO A 37 -24.66 16.29 8.67
CA PRO A 37 -23.70 15.19 8.82
C PRO A 37 -22.31 15.72 9.10
N VAL A 38 -21.58 15.06 10.00
CA VAL A 38 -20.21 15.44 10.31
C VAL A 38 -19.45 14.12 10.32
N THR A 39 -18.50 13.97 9.41
CA THR A 39 -18.05 12.62 9.10
C THR A 39 -16.57 12.58 8.77
N ALA A 40 -15.98 11.41 8.90
CA ALA A 40 -14.62 11.18 8.43
C ALA A 40 -14.61 10.96 6.92
N LYS A 41 -15.78 10.72 6.35
CA LYS A 41 -15.89 10.37 4.93
C LYS A 41 -15.53 11.54 4.02
N THR A 42 -15.19 11.22 2.77
CA THR A 42 -14.92 12.27 1.79
C THR A 42 -16.23 12.78 1.21
N ARG A 43 -16.15 13.95 0.58
CA ARG A 43 -17.33 14.48 -0.11
C ARG A 43 -17.89 13.49 -1.14
N LYS A 44 -17.03 12.81 -1.89
CA LYS A 44 -17.53 11.80 -2.86
C LYS A 44 -18.31 10.67 -2.19
N GLU A 45 -17.85 10.24 -1.01
CA GLU A 45 -18.57 9.21 -0.26
C GLU A 45 -19.91 9.75 0.25
N VAL A 46 -19.92 10.99 0.71
CA VAL A 46 -21.14 11.60 1.23
C VAL A 46 -22.15 11.76 0.10
N GLU A 47 -21.67 12.19 -1.06
CA GLU A 47 -22.58 12.27 -2.19
C GLU A 47 -23.16 10.92 -2.58
N ALA A 48 -22.37 9.86 -2.46
CA ALA A 48 -22.88 8.55 -2.84
C ALA A 48 -23.99 8.07 -1.90
N LEU A 49 -24.03 8.59 -0.68
CA LEU A 49 -25.15 8.34 0.24
C LEU A 49 -26.39 9.21 -0.05
N GLY A 50 -26.28 10.09 -1.04
CA GLY A 50 -27.39 10.97 -1.41
C GLY A 50 -27.61 12.13 -0.45
N LEU A 51 -26.60 12.44 0.37
CA LEU A 51 -26.74 13.49 1.37
C LEU A 51 -26.50 14.88 0.77
N GLU A 52 -27.37 15.82 1.12
CA GLU A 52 -27.27 17.19 0.60
C GLU A 52 -26.53 18.09 1.58
N PRO A 53 -25.90 19.15 1.08
CA PRO A 53 -25.22 20.09 1.98
C PRO A 53 -26.26 20.89 2.80
N PRO A 54 -25.85 21.46 3.93
CA PRO A 54 -24.48 21.49 4.44
C PRO A 54 -24.07 20.18 5.08
N PHE A 55 -22.80 19.85 4.92
CA PHE A 55 -22.21 18.73 5.65
C PHE A 55 -20.73 19.01 5.86
N ILE A 56 -20.13 18.28 6.80
CA ILE A 56 -18.74 18.46 7.14
C ILE A 56 -18.01 17.13 6.86
N VAL A 57 -16.92 17.20 6.08
CA VAL A 57 -16.24 16.00 5.62
C VAL A 57 -14.84 15.89 6.21
N GLU A 58 -14.26 14.70 6.08
CA GLU A 58 -12.88 14.44 6.44
C GLU A 58 -12.53 14.95 7.82
N ASN A 59 -13.38 14.62 8.79
CA ASN A 59 -13.10 14.93 10.18
C ASN A 59 -13.02 16.43 10.47
N GLY A 60 -13.71 17.23 9.66
CA GLY A 60 -13.70 18.66 9.88
C GLY A 60 -12.75 19.41 8.96
N GLY A 61 -12.14 18.69 8.02
CA GLY A 61 -11.24 19.32 7.05
C GLY A 61 -11.96 20.30 6.13
N GLY A 62 -13.18 19.96 5.76
CA GLY A 62 -13.93 20.83 4.87
C GLY A 62 -15.39 20.95 5.22
N LEU A 63 -15.92 22.16 5.05
CA LEU A 63 -17.33 22.40 5.31
C LEU A 63 -17.96 22.68 3.96
N TYR A 64 -18.90 21.83 3.56
CA TYR A 64 -19.59 22.03 2.28
C TYR A 64 -20.94 22.71 2.52
N LEU A 65 -21.15 23.84 1.86
CA LEU A 65 -22.44 24.56 1.90
C LEU A 65 -23.13 24.49 0.54
N PRO A 66 -24.47 24.59 0.52
CA PRO A 66 -25.19 24.75 -0.75
C PRO A 66 -24.64 26.00 -1.43
N ARG A 67 -24.54 26.01 -2.75
CA ARG A 67 -24.07 27.20 -3.45
C ARG A 67 -24.86 28.47 -3.09
N ASP A 68 -26.17 28.33 -2.88
CA ASP A 68 -27.01 29.49 -2.55
C ASP A 68 -27.18 29.75 -1.04
N TRP A 69 -26.31 29.21 -0.19
CA TRP A 69 -26.39 29.47 1.25
C TRP A 69 -26.54 30.96 1.53
N PRO A 70 -27.46 31.32 2.43
CA PRO A 70 -27.75 32.76 2.69
C PRO A 70 -26.59 33.56 3.29
N VAL A 71 -25.59 32.88 3.86
CA VAL A 71 -24.41 33.57 4.36
C VAL A 71 -23.26 33.29 3.40
N ARG A 72 -22.66 34.33 2.86
CA ARG A 72 -21.62 34.17 1.87
C ARG A 72 -20.33 33.72 2.55
N ALA A 73 -19.84 32.55 2.18
CA ALA A 73 -18.59 32.04 2.74
C ALA A 73 -18.05 30.96 1.80
N GLY A 74 -16.75 30.72 1.87
CA GLY A 74 -16.17 29.61 1.16
C GLY A 74 -15.94 29.90 -0.31
N ARG A 75 -15.44 28.92 -1.04
CA ARG A 75 -15.16 29.10 -2.47
C ARG A 75 -16.18 28.36 -3.31
N PRO A 76 -16.68 29.00 -4.38
CA PRO A 76 -17.68 28.35 -5.23
C PRO A 76 -17.12 27.10 -5.87
N LYS A 77 -17.89 26.03 -5.84
CA LYS A 77 -17.51 24.81 -6.53
C LYS A 77 -18.79 24.11 -6.99
N GLY A 78 -19.17 24.32 -8.25
CA GLY A 78 -20.39 23.72 -8.73
C GLY A 78 -21.58 24.08 -7.86
N GLY A 79 -22.29 23.06 -7.39
CA GLY A 79 -23.47 23.28 -6.58
C GLY A 79 -23.15 23.52 -5.11
N TYR A 80 -21.86 23.71 -4.81
CA TYR A 80 -21.46 24.00 -3.43
C TYR A 80 -20.68 25.30 -3.28
N ARG A 81 -20.57 25.75 -2.04
CA ARG A 81 -19.45 26.60 -1.66
C ARG A 81 -18.67 25.82 -0.60
N VAL A 82 -17.35 25.85 -0.69
CA VAL A 82 -16.54 25.03 0.20
C VAL A 82 -15.68 25.88 1.09
N VAL A 83 -15.82 25.68 2.40
CA VAL A 83 -14.96 26.36 3.36
C VAL A 83 -13.89 25.33 3.73
N SER A 84 -12.66 25.60 3.32
CA SER A 84 -11.54 24.70 3.61
C SER A 84 -10.93 25.12 4.94
N LEU A 85 -10.97 24.21 5.91
CA LEU A 85 -10.44 24.54 7.23
C LEU A 85 -9.03 23.93 7.41
N ALA A 86 -8.75 22.87 6.66
CA ALA A 86 -7.50 22.14 6.83
C ALA A 86 -6.57 22.33 5.63
N TRP A 87 -5.28 22.01 5.80
CA TRP A 87 -4.37 21.90 4.66
C TRP A 87 -4.91 20.94 3.62
N PRO A 88 -4.62 21.21 2.34
CA PRO A 88 -5.02 20.32 1.25
C PRO A 88 -4.23 19.02 1.27
N TYR A 89 -4.90 17.95 0.86
CA TYR A 89 -4.32 16.62 0.78
C TYR A 89 -2.93 16.65 0.16
N ARG A 90 -2.76 17.45 -0.89
CA ARG A 90 -1.48 17.48 -1.60
C ARG A 90 -0.33 17.93 -0.70
N LYS A 91 -0.59 18.92 0.14
CA LYS A 91 0.41 19.38 1.08
C LYS A 91 0.64 18.37 2.22
N VAL A 92 -0.42 17.75 2.69
CA VAL A 92 -0.27 16.67 3.68
C VAL A 92 0.62 15.56 3.13
N ARG A 93 0.40 15.16 1.89
CA ARG A 93 1.19 14.08 1.27
C ARG A 93 2.66 14.47 1.16
N ALA A 94 2.91 15.73 0.86
CA ALA A 94 4.29 16.21 0.78
C ALA A 94 4.96 16.21 2.16
N ARG A 95 4.22 16.63 3.17
CA ARG A 95 4.76 16.56 4.53
C ARG A 95 5.00 15.13 4.96
N LEU A 96 4.13 14.21 4.55
CA LEU A 96 4.36 12.79 4.80
C LEU A 96 5.67 12.27 4.22
N ARG A 97 6.04 12.75 3.03
CA ARG A 97 7.33 12.40 2.44
C ARG A 97 8.45 12.87 3.34
N GLU A 98 8.32 14.08 3.88
CA GLU A 98 9.32 14.58 4.83
C GLU A 98 9.36 13.75 6.11
N ALA A 99 8.20 13.38 6.63
CA ALA A 99 8.15 12.57 7.84
C ALA A 99 8.84 11.22 7.61
N GLU A 100 8.70 10.68 6.41
CA GLU A 100 9.32 9.40 6.06
C GLU A 100 10.83 9.48 6.21
N ALA A 101 11.39 10.60 5.78
CA ALA A 101 12.83 10.82 5.87
C ALA A 101 13.27 10.92 7.31
N LEU A 102 12.49 11.58 8.15
CA LEU A 102 12.80 11.67 9.57
C LEU A 102 12.71 10.32 10.27
N ALA A 103 11.71 9.52 9.90
CA ALA A 103 11.45 8.25 10.57
C ALA A 103 12.32 7.14 10.02
N GLY A 104 12.97 7.40 8.89
CA GLY A 104 13.81 6.42 8.25
C GLY A 104 13.08 5.14 7.92
N ARG A 105 11.79 5.23 7.62
CA ARG A 105 11.04 4.06 7.21
C ARG A 105 9.79 4.51 6.44
N PRO A 106 9.27 3.64 5.56
CA PRO A 106 8.15 4.05 4.71
C PRO A 106 6.91 4.37 5.53
N ILE A 107 6.21 5.41 5.11
CA ILE A 107 4.90 5.73 5.66
C ILE A 107 3.91 5.66 4.50
N LEU A 108 3.10 4.62 4.50
CA LEU A 108 2.17 4.41 3.42
C LEU A 108 0.78 4.85 3.83
N GLY A 109 0.04 5.38 2.85
CA GLY A 109 -1.34 5.77 3.08
C GLY A 109 -2.15 5.49 1.83
N TYR A 110 -3.44 5.83 1.87
CA TYR A 110 -4.32 5.58 0.74
C TYR A 110 -3.79 6.11 -0.59
N GLY A 111 -3.09 7.25 -0.58
CA GLY A 111 -2.58 7.84 -1.81
C GLY A 111 -1.53 6.96 -2.49
N ASP A 112 -0.93 6.04 -1.73
CA ASP A 112 0.04 5.09 -2.28
C ASP A 112 -0.56 3.78 -2.77
N LEU A 113 -1.84 3.56 -2.49
CA LEU A 113 -2.48 2.27 -2.71
C LEU A 113 -3.46 2.35 -3.87
N THR A 114 -3.65 1.23 -4.55
CA THR A 114 -4.67 1.15 -5.58
C THR A 114 -6.05 1.13 -4.92
N ALA A 115 -7.10 1.41 -5.69
CA ALA A 115 -8.47 1.30 -5.19
C ALA A 115 -8.77 -0.13 -4.76
N GLU A 116 -8.24 -1.10 -5.52
CA GLU A 116 -8.43 -2.51 -5.18
C GLU A 116 -7.83 -2.85 -3.82
N ALA A 117 -6.64 -2.32 -3.54
CA ALA A 117 -6.02 -2.55 -2.24
C ALA A 117 -6.83 -1.90 -1.11
N VAL A 118 -7.23 -0.66 -1.31
CA VAL A 118 -8.03 0.05 -0.32
C VAL A 118 -9.33 -0.74 -0.07
N ALA A 119 -9.96 -1.20 -1.15
CA ALA A 119 -11.16 -2.02 -1.04
C ALA A 119 -10.92 -3.25 -0.15
N ARG A 120 -9.85 -3.99 -0.46
CA ARG A 120 -9.53 -5.19 0.29
C ARG A 120 -9.29 -4.87 1.77
N LEU A 121 -8.60 -3.77 2.05
CA LEU A 121 -8.21 -3.47 3.42
C LEU A 121 -9.38 -2.95 4.23
N THR A 122 -10.38 -2.40 3.57
CA THR A 122 -11.51 -1.80 4.27
C THR A 122 -12.80 -2.63 4.22
N GLY A 123 -12.84 -3.66 3.37
CA GLY A 123 -14.07 -4.41 3.17
C GLY A 123 -15.07 -3.73 2.24
N LEU A 124 -14.63 -2.69 1.53
CA LEU A 124 -15.51 -1.96 0.62
C LEU A 124 -15.45 -2.54 -0.79
N SER A 125 -16.42 -2.17 -1.63
CA SER A 125 -16.35 -2.46 -3.06
C SER A 125 -15.26 -1.58 -3.68
N ARG A 126 -14.77 -1.95 -4.86
CA ARG A 126 -13.78 -1.12 -5.55
C ARG A 126 -14.34 0.29 -5.77
N GLU A 127 -15.61 0.36 -6.14
CA GLU A 127 -16.25 1.63 -6.40
C GLU A 127 -16.29 2.54 -5.17
N ALA A 128 -16.65 1.98 -4.01
CA ALA A 128 -16.66 2.76 -2.77
C ALA A 128 -15.24 3.14 -2.37
N ALA A 129 -14.28 2.29 -2.69
CA ALA A 129 -12.89 2.56 -2.33
C ALA A 129 -12.34 3.70 -3.15
N ARG A 130 -12.72 3.77 -4.43
CA ARG A 130 -12.36 4.93 -5.25
C ARG A 130 -12.86 6.23 -4.64
N ARG A 131 -14.08 6.21 -4.08
CA ARG A 131 -14.61 7.41 -3.43
C ARG A 131 -13.87 7.71 -2.12
N ALA A 132 -13.47 6.67 -1.39
CA ALA A 132 -12.67 6.87 -0.18
C ALA A 132 -11.27 7.41 -0.50
N LYS A 133 -10.79 7.16 -1.72
CA LYS A 133 -9.47 7.64 -2.13
C LYS A 133 -9.49 9.09 -2.63
N ALA A 134 -10.68 9.60 -2.90
CA ALA A 134 -10.82 10.96 -3.40
C ALA A 134 -10.76 11.92 -2.21
N ARG A 135 -9.56 12.07 -1.64
CA ARG A 135 -9.41 12.79 -0.39
C ARG A 135 -8.94 14.21 -0.66
N GLU A 136 -9.50 15.18 0.07
CA GLU A 136 -9.14 16.57 -0.14
C GLU A 136 -8.31 17.18 0.98
N TYR A 137 -8.34 16.56 2.14
CA TYR A 137 -7.68 17.14 3.31
C TYR A 137 -6.84 16.14 4.11
N ASP A 138 -7.44 15.00 4.42
CA ASP A 138 -6.94 14.06 5.45
C ASP A 138 -6.40 12.84 4.72
N GLU A 139 -5.28 12.28 5.17
CA GLU A 139 -4.77 11.05 4.59
C GLU A 139 -5.01 9.93 5.56
N THR A 140 -5.44 8.78 5.06
CA THR A 140 -5.58 7.60 5.91
C THR A 140 -4.29 6.81 5.80
N LEU A 141 -3.70 6.45 6.93
CA LEU A 141 -2.40 5.78 6.94
C LEU A 141 -2.56 4.29 7.22
N VAL A 142 -1.64 3.49 6.71
CA VAL A 142 -1.61 2.06 7.03
C VAL A 142 -0.28 1.76 7.66
N LEU A 143 -0.22 1.82 8.99
CA LEU A 143 1.06 1.83 9.72
C LEU A 143 1.38 0.48 10.32
N CYS A 144 2.67 0.13 10.36
CA CYS A 144 3.14 -1.03 11.12
C CYS A 144 2.99 -0.72 12.61
N PRO A 145 2.26 -1.59 13.33
CA PRO A 145 2.03 -1.48 14.77
C PRO A 145 3.27 -1.07 15.58
N GLU A 146 4.39 -1.74 15.36
CA GLU A 146 5.59 -1.47 16.17
C GLU A 146 6.31 -0.19 15.73
N GLU A 147 5.95 0.32 14.55
CA GLU A 147 6.53 1.58 14.06
C GLU A 147 5.65 2.80 14.30
N VAL A 148 4.47 2.58 14.86
CA VAL A 148 3.54 3.68 15.09
C VAL A 148 4.22 4.83 15.82
N GLU A 149 4.71 4.60 17.02
CA GLU A 149 5.22 5.72 17.81
C GLU A 149 6.34 6.52 17.13
N ALA A 150 7.24 5.83 16.45
CA ALA A 150 8.25 6.51 15.64
C ALA A 150 7.60 7.33 14.52
N VAL A 151 6.60 6.75 13.88
CA VAL A 151 5.90 7.46 12.81
C VAL A 151 5.17 8.69 13.33
N LEU A 152 4.36 8.52 14.37
CA LEU A 152 3.61 9.64 14.93
C LEU A 152 4.52 10.80 15.37
N GLU A 153 5.66 10.49 15.99
CA GLU A 153 6.59 11.56 16.35
C GLU A 153 7.07 12.30 15.10
N ALA A 154 7.40 11.54 14.06
CA ALA A 154 7.81 12.14 12.79
C ALA A 154 6.73 13.04 12.20
N LEU A 155 5.50 12.54 12.18
CA LEU A 155 4.37 13.35 11.72
C LEU A 155 4.33 14.70 12.44
N GLU A 156 4.36 14.67 13.76
CA GLU A 156 4.31 15.90 14.53
C GLU A 156 5.51 16.82 14.28
N ALA A 157 6.68 16.23 14.08
CA ALA A 157 7.88 17.02 13.80
C ALA A 157 7.74 17.82 12.51
N VAL A 158 7.01 17.30 11.53
CA VAL A 158 6.85 18.02 10.27
C VAL A 158 5.57 18.83 10.19
N GLY A 159 4.93 19.02 11.35
CA GLY A 159 3.80 19.91 11.46
C GLY A 159 2.45 19.28 11.18
N LEU A 160 2.39 17.96 11.07
CA LEU A 160 1.10 17.29 10.90
C LEU A 160 0.46 16.94 12.24
N GLU A 161 -0.85 16.73 12.22
CA GLU A 161 -1.62 16.25 13.37
C GLU A 161 -2.12 14.87 13.02
N TRP A 162 -2.37 14.03 14.01
CA TRP A 162 -2.85 12.69 13.71
C TRP A 162 -4.00 12.32 14.61
N THR A 163 -4.82 11.39 14.15
CA THR A 163 -5.89 10.82 14.98
C THR A 163 -5.97 9.33 14.71
N HIS A 164 -6.67 8.59 15.56
CA HIS A 164 -6.92 7.19 15.23
C HIS A 164 -8.39 6.94 15.03
N GLY A 165 -8.77 6.54 13.82
CA GLY A 165 -10.16 6.46 13.43
C GLY A 165 -10.84 5.13 13.69
N GLY A 166 -10.24 4.29 14.53
CA GLY A 166 -10.81 2.99 14.84
C GLY A 166 -10.07 1.87 14.16
N ARG A 167 -9.83 2.02 12.86
CA ARG A 167 -9.10 1.02 12.10
CA ARG A 167 -9.10 1.01 12.08
C ARG A 167 -7.69 1.49 11.73
N PHE A 168 -7.59 2.67 11.16
CA PHE A 168 -6.32 3.25 10.71
C PHE A 168 -6.02 4.59 11.39
N TYR A 169 -4.75 5.00 11.39
CA TYR A 169 -4.39 6.35 11.79
C TYR A 169 -4.65 7.30 10.63
N HIS A 170 -4.88 8.55 10.96
CA HIS A 170 -5.05 9.58 9.96
C HIS A 170 -4.09 10.73 10.21
N ALA A 171 -3.70 11.39 9.14
CA ALA A 171 -2.88 12.57 9.27
C ALA A 171 -3.54 13.71 8.52
N ALA A 172 -3.49 14.90 9.12
CA ALA A 172 -4.07 16.10 8.52
C ALA A 172 -3.46 17.29 9.22
N LYS A 173 -3.82 18.50 8.79
CA LYS A 173 -3.48 19.67 9.60
C LYS A 173 -4.66 20.63 9.54
N GLY A 174 -5.20 20.97 10.70
CA GLY A 174 -6.37 21.83 10.78
C GLY A 174 -7.73 21.15 10.68
N ALA A 175 -7.77 19.82 10.59
CA ALA A 175 -9.03 19.10 10.50
C ALA A 175 -9.53 18.75 11.87
N ASP A 176 -10.56 19.45 12.34
CA ASP A 176 -11.12 19.18 13.66
C ASP A 176 -12.65 19.29 13.61
N LYS A 177 -13.35 18.24 14.03
CA LYS A 177 -14.81 18.29 13.96
C LYS A 177 -15.41 19.44 14.75
N GLY A 178 -14.86 19.71 15.93
CA GLY A 178 -15.37 20.80 16.75
C GLY A 178 -15.22 22.15 16.07
N ARG A 179 -14.05 22.43 15.52
CA ARG A 179 -13.82 23.72 14.86
C ARG A 179 -14.78 23.89 13.67
N ALA A 180 -14.97 22.80 12.92
CA ALA A 180 -15.90 22.83 11.77
C ALA A 180 -17.33 23.10 12.23
N VAL A 181 -17.73 22.45 13.31
CA VAL A 181 -19.05 22.70 13.90
C VAL A 181 -19.18 24.15 14.32
N ALA A 182 -18.18 24.69 15.01
CA ALA A 182 -18.26 26.06 15.49
C ALA A 182 -18.34 27.01 14.31
N ARG A 183 -17.58 26.72 13.27
CA ARG A 183 -17.59 27.55 12.07
C ARG A 183 -18.98 27.54 11.41
N LEU A 184 -19.52 26.35 11.22
CA LEU A 184 -20.84 26.26 10.60
C LEU A 184 -21.91 26.98 11.44
N ARG A 185 -21.84 26.87 12.76
CA ARG A 185 -22.78 27.58 13.62
C ARG A 185 -22.68 29.10 13.46
N ALA A 186 -21.45 29.59 13.30
CA ALA A 186 -21.19 31.01 13.09
C ALA A 186 -21.68 31.46 11.72
N LEU A 187 -21.73 30.53 10.77
CA LEU A 187 -22.19 30.81 9.41
C LEU A 187 -23.66 30.48 9.20
N TRP A 188 -24.38 30.20 10.28
CA TRP A 188 -25.78 29.81 10.14
C TRP A 188 -26.64 31.03 9.83
N PRO A 189 -27.61 30.89 8.93
CA PRO A 189 -28.38 32.05 8.49
C PRO A 189 -29.19 32.66 9.64
N ASP A 190 -29.84 31.81 10.42
CA ASP A 190 -30.67 32.25 11.53
C ASP A 190 -29.95 31.96 12.83
N PRO A 191 -29.38 32.99 13.46
CA PRO A 191 -28.59 32.73 14.66
C PRO A 191 -29.39 32.01 15.75
N GLU A 192 -30.66 32.35 15.89
CA GLU A 192 -31.50 31.73 16.91
C GLU A 192 -31.58 30.22 16.75
N GLU A 193 -31.63 29.75 15.51
CA GLU A 193 -31.70 28.31 15.21
C GLU A 193 -30.40 27.60 15.59
N ALA A 194 -29.28 28.32 15.53
CA ALA A 194 -27.96 27.75 15.82
C ALA A 194 -27.54 27.87 17.29
N ARG A 195 -28.36 28.53 18.09
CA ARG A 195 -28.05 28.77 19.50
C ARG A 195 -28.00 27.48 20.30
N PHE A 196 -28.84 26.52 19.94
CA PHE A 196 -28.83 25.22 20.62
C PHE A 196 -28.43 24.10 19.65
N ALA A 197 -27.25 23.53 19.87
CA ALA A 197 -26.76 22.49 18.99
C ALA A 197 -26.70 21.16 19.70
N VAL A 198 -27.08 20.11 18.98
CA VAL A 198 -27.02 18.75 19.48
C VAL A 198 -25.95 18.03 18.68
N GLY A 199 -25.18 17.17 19.33
CA GLY A 199 -24.20 16.38 18.60
C GLY A 199 -24.33 14.93 19.01
N LEU A 200 -24.53 14.06 18.02
CA LEU A 200 -24.64 12.63 18.25
C LEU A 200 -23.49 11.90 17.58
N GLY A 201 -22.85 10.99 18.32
CA GLY A 201 -21.71 10.28 17.76
C GLY A 201 -21.58 8.92 18.43
N ASP A 202 -20.75 8.04 17.84
CA ASP A 202 -20.63 6.69 18.37
C ASP A 202 -19.21 6.30 18.77
N SER A 203 -18.31 7.28 18.82
CA SER A 203 -16.91 6.96 19.13
C SER A 203 -16.31 7.95 20.10
N LEU A 204 -15.20 7.57 20.73
CA LEU A 204 -14.47 8.49 21.60
C LEU A 204 -13.85 9.58 20.76
N ASN A 205 -13.60 9.27 19.49
CA ASN A 205 -13.10 10.26 18.54
C ASN A 205 -14.14 11.33 18.18
N ASP A 206 -15.32 11.23 18.77
CA ASP A 206 -16.32 12.27 18.58
C ASP A 206 -16.26 13.31 19.69
N LEU A 207 -15.33 13.13 20.62
CA LEU A 207 -15.12 14.11 21.68
C LEU A 207 -15.11 15.56 21.18
N PRO A 208 -14.34 15.85 20.11
CA PRO A 208 -14.33 17.23 19.62
C PRO A 208 -15.71 17.69 19.15
N LEU A 209 -16.48 16.81 18.53
CA LEU A 209 -17.87 17.11 18.22
C LEU A 209 -18.67 17.37 19.51
N PHE A 210 -18.56 16.46 20.48
CA PHE A 210 -19.29 16.58 21.74
C PHE A 210 -18.99 17.88 22.48
N ARG A 211 -17.75 18.35 22.40
CA ARG A 211 -17.39 19.56 23.09
CA ARG A 211 -17.33 19.56 23.08
C ARG A 211 -17.95 20.81 22.45
N ALA A 212 -18.15 20.77 21.14
CA ALA A 212 -18.59 21.95 20.41
C ALA A 212 -20.11 22.13 20.36
N VAL A 213 -20.86 21.19 20.92
CA VAL A 213 -22.32 21.30 20.92
C VAL A 213 -22.81 21.52 22.34
N ASP A 214 -24.10 21.81 22.50
CA ASP A 214 -24.66 22.05 23.83
C ASP A 214 -25.25 20.79 24.43
N LEU A 215 -25.76 19.90 23.61
CA LEU A 215 -26.22 18.63 24.12
C LEU A 215 -25.54 17.52 23.37
N ALA A 216 -24.75 16.73 24.09
CA ALA A 216 -23.98 15.66 23.47
C ALA A 216 -24.59 14.30 23.81
N VAL A 217 -24.75 13.46 22.79
CA VAL A 217 -25.31 12.13 22.97
C VAL A 217 -24.43 11.07 22.33
N TYR A 218 -24.05 10.09 23.13
CA TYR A 218 -23.20 9.00 22.68
C TYR A 218 -24.09 7.79 22.43
N VAL A 219 -24.05 7.30 21.19
CA VAL A 219 -24.82 6.12 20.81
C VAL A 219 -23.88 4.97 20.44
N GLY A 220 -22.67 5.01 21.00
CA GLY A 220 -21.69 3.97 20.74
C GLY A 220 -21.77 2.85 21.77
N ARG A 221 -20.83 1.91 21.69
CA ARG A 221 -20.81 0.80 22.63
C ARG A 221 -19.93 1.12 23.84
N GLY A 222 -20.30 0.58 25.00
CA GLY A 222 -19.55 0.85 26.21
C GLY A 222 -19.88 2.23 26.75
N ASP A 223 -19.05 2.72 27.68
CA ASP A 223 -19.32 3.96 28.40
C ASP A 223 -19.04 5.23 27.58
N PRO A 224 -19.92 6.22 27.72
CA PRO A 224 -19.78 7.50 27.02
C PRO A 224 -18.73 8.34 27.72
N PRO A 225 -18.15 9.33 27.02
CA PRO A 225 -17.22 10.22 27.71
C PRO A 225 -17.92 10.94 28.86
N GLU A 226 -17.13 11.49 29.78
CA GLU A 226 -17.65 12.24 30.92
C GLU A 226 -18.40 13.47 30.43
N GLY A 227 -19.60 13.68 30.96
CA GLY A 227 -20.39 14.83 30.59
C GLY A 227 -21.14 14.63 29.28
N VAL A 228 -21.25 13.37 28.86
CA VAL A 228 -21.95 13.03 27.62
C VAL A 228 -23.06 12.03 27.90
N LEU A 229 -24.25 12.32 27.40
CA LEU A 229 -25.41 11.44 27.61
C LEU A 229 -25.24 10.15 26.84
N ALA A 230 -25.88 9.08 27.32
CA ALA A 230 -25.85 7.81 26.60
C ALA A 230 -27.24 7.28 26.37
N THR A 231 -27.36 6.35 25.43
CA THR A 231 -28.63 5.70 25.15
C THR A 231 -28.48 4.22 25.45
N PRO A 232 -29.60 3.52 25.72
CA PRO A 232 -29.51 2.09 26.07
C PRO A 232 -29.09 1.23 24.89
N ALA A 233 -29.49 1.60 23.67
CA ALA A 233 -29.10 0.85 22.48
C ALA A 233 -28.18 1.68 21.61
N PRO A 234 -27.20 1.02 20.97
CA PRO A 234 -26.22 1.67 20.10
C PRO A 234 -26.78 2.01 18.70
N GLY A 235 -25.97 2.70 17.91
CA GLY A 235 -26.31 2.98 16.52
C GLY A 235 -27.59 3.76 16.29
N PRO A 236 -28.26 3.50 15.15
CA PRO A 236 -29.52 4.13 14.76
C PRO A 236 -30.63 3.94 15.79
N GLU A 237 -30.60 2.83 16.52
CA GLU A 237 -31.56 2.61 17.62
C GLU A 237 -31.39 3.71 18.65
N GLY A 238 -30.13 4.04 18.95
CA GLY A 238 -29.82 5.11 19.88
C GLY A 238 -30.20 6.45 19.30
N PHE A 239 -29.95 6.61 18.00
CA PHE A 239 -30.31 7.85 17.33
C PHE A 239 -31.82 8.08 17.46
N ARG A 240 -32.60 7.02 17.27
CA ARG A 240 -34.04 7.13 17.33
C ARG A 240 -34.49 7.42 18.77
N TYR A 241 -33.92 6.68 19.71
CA TYR A 241 -34.19 6.90 21.13
C TYR A 241 -33.83 8.32 21.56
N ALA A 242 -32.62 8.75 21.21
CA ALA A 242 -32.18 10.11 21.49
C ALA A 242 -33.12 11.18 20.95
N VAL A 243 -33.58 11.00 19.72
CA VAL A 243 -34.49 11.95 19.12
C VAL A 243 -35.84 11.94 19.83
N GLU A 244 -36.29 10.75 20.22
CA GLU A 244 -37.55 10.61 20.92
C GLU A 244 -37.46 11.15 22.34
N ARG A 245 -36.35 10.81 23.00
CA ARG A 245 -36.17 11.13 24.42
C ARG A 245 -35.69 12.56 24.67
N TYR A 246 -34.68 12.99 23.91
CA TYR A 246 -33.98 14.23 24.21
C TYR A 246 -34.45 15.43 23.37
N LEU A 247 -34.81 15.18 22.12
CA LEU A 247 -35.09 16.27 21.18
C LEU A 247 -36.59 16.55 20.98
N LEU A 248 -37.34 15.52 20.63
CA LEU A 248 -38.78 15.66 20.37
C LEU A 248 -39.54 16.47 21.41
N PRO A 249 -39.27 16.26 22.70
CA PRO A 249 -40.00 17.00 23.73
C PRO A 249 -39.68 18.49 23.74
N ARG A 250 -38.49 18.85 23.26
CA ARG A 250 -38.06 20.25 23.22
C ARG A 250 -38.83 21.08 22.19
N LEU A 251 -39.23 20.45 21.10
CA LEU A 251 -39.85 21.16 19.99
C LEU A 251 -41.35 21.38 20.19
N SER A 252 -41.97 20.54 21.01
CA SER A 252 -43.40 20.64 21.28
C SER A 252 -43.80 22.06 21.67
N ARG A 253 -44.75 22.62 21.09
N MET B 1 31.43 -24.03 -20.50
CA MET B 1 31.13 -23.21 -19.32
C MET B 1 30.01 -22.22 -19.61
N ILE B 2 29.05 -22.16 -18.69
CA ILE B 2 28.03 -21.12 -18.70
C ILE B 2 28.08 -20.39 -17.36
N VAL B 3 27.99 -19.06 -17.41
CA VAL B 3 28.01 -18.25 -16.21
C VAL B 3 26.61 -17.77 -15.92
N PHE B 4 26.06 -18.22 -14.80
CA PHE B 4 24.75 -17.79 -14.33
C PHE B 4 24.96 -16.73 -13.26
N THR B 5 24.32 -15.59 -13.42
CA THR B 5 24.62 -14.48 -12.55
C THR B 5 23.37 -13.71 -12.15
N ASP B 6 23.35 -13.32 -10.89
CA ASP B 6 22.30 -12.44 -10.37
C ASP B 6 22.55 -11.06 -10.97
N LEU B 7 21.54 -10.19 -10.94
CA LEU B 7 21.71 -8.81 -11.41
C LEU B 7 21.96 -7.81 -10.26
N ASP B 8 20.92 -7.54 -9.46
CA ASP B 8 21.08 -6.59 -8.37
C ASP B 8 22.12 -7.04 -7.37
N GLY B 9 23.04 -6.15 -7.06
CA GLY B 9 24.10 -6.40 -6.08
C GLY B 9 25.25 -7.24 -6.59
N THR B 10 25.07 -7.85 -7.75
CA THR B 10 26.09 -8.72 -8.32
C THR B 10 26.70 -8.10 -9.57
N LEU B 11 25.96 -8.14 -10.66
CA LEU B 11 26.45 -7.64 -11.94
C LEU B 11 26.23 -6.13 -12.07
N LEU B 12 25.23 -5.62 -11.35
CA LEU B 12 24.86 -4.21 -11.38
C LEU B 12 25.39 -3.52 -10.14
N ASP B 13 25.72 -2.24 -10.25
CA ASP B 13 26.12 -1.44 -9.10
C ASP B 13 24.88 -0.99 -8.32
N GLU B 14 25.06 -0.25 -7.23
CA GLU B 14 23.91 0.15 -6.41
C GLU B 14 23.01 1.16 -7.13
N ARG B 15 23.51 1.72 -8.23
CA ARG B 15 22.73 2.60 -9.07
C ARG B 15 21.91 1.80 -10.08
N GLY B 16 22.22 0.50 -10.19
CA GLY B 16 21.50 -0.39 -11.08
C GLY B 16 21.99 -0.40 -12.52
N GLU B 17 23.26 -0.09 -12.72
CA GLU B 17 23.82 0.07 -14.06
C GLU B 17 24.95 -0.91 -14.35
N LEU B 18 25.05 -1.34 -15.61
CA LEU B 18 26.03 -2.32 -16.03
C LEU B 18 27.42 -1.73 -16.25
N GLY B 19 27.61 -0.49 -15.81
CA GLY B 19 28.85 0.22 -16.01
C GLY B 19 30.13 -0.54 -15.70
N PRO B 20 30.42 -0.75 -14.41
CA PRO B 20 31.64 -1.38 -13.89
C PRO B 20 31.84 -2.83 -14.33
N ALA B 21 30.76 -3.53 -14.66
CA ALA B 21 30.86 -4.93 -15.03
C ALA B 21 31.26 -5.11 -16.50
N ARG B 22 31.33 -4.00 -17.23
CA ARG B 22 31.59 -4.04 -18.67
C ARG B 22 32.81 -4.85 -19.05
N GLU B 23 33.97 -4.43 -18.56
CA GLU B 23 35.23 -5.11 -18.87
C GLU B 23 35.13 -6.62 -18.66
N ALA B 24 34.64 -7.01 -17.50
CA ALA B 24 34.47 -8.42 -17.15
C ALA B 24 33.56 -9.12 -18.14
N LEU B 25 32.44 -8.50 -18.47
CA LEU B 25 31.48 -9.13 -19.37
C LEU B 25 32.02 -9.30 -20.77
N GLU B 26 32.68 -8.26 -21.28
CA GLU B 26 33.24 -8.30 -22.62
C GLU B 26 34.33 -9.35 -22.68
N ARG B 27 35.05 -9.51 -21.59
CA ARG B 27 36.07 -10.54 -21.46
C ARG B 27 35.43 -11.91 -21.69
N LEU B 28 34.38 -12.20 -20.93
CA LEU B 28 33.65 -13.46 -21.07
C LEU B 28 33.09 -13.61 -22.49
N ARG B 29 32.57 -12.52 -23.04
CA ARG B 29 31.94 -12.54 -24.35
C ARG B 29 32.97 -12.81 -25.44
N ALA B 30 34.15 -12.20 -25.30
CA ALA B 30 35.22 -12.39 -26.27
C ALA B 30 35.66 -13.85 -26.27
N LEU B 31 35.58 -14.49 -25.11
CA LEU B 31 35.97 -15.89 -24.99
C LEU B 31 34.78 -16.80 -25.27
N GLY B 32 33.68 -16.21 -25.72
CA GLY B 32 32.49 -16.97 -26.06
C GLY B 32 31.88 -17.77 -24.93
N VAL B 33 32.01 -17.26 -23.70
CA VAL B 33 31.35 -17.87 -22.57
C VAL B 33 29.98 -17.22 -22.38
N PRO B 34 28.92 -18.02 -22.49
CA PRO B 34 27.55 -17.52 -22.33
C PRO B 34 27.35 -16.99 -20.91
N VAL B 35 26.70 -15.83 -20.81
CA VAL B 35 26.33 -15.27 -19.52
C VAL B 35 24.82 -15.18 -19.46
N VAL B 36 24.23 -15.82 -18.47
CA VAL B 36 22.78 -15.87 -18.32
C VAL B 36 22.34 -15.16 -17.05
N PRO B 37 21.67 -14.02 -17.19
CA PRO B 37 21.09 -13.36 -16.01
C PRO B 37 20.06 -14.27 -15.30
N VAL B 38 20.16 -14.36 -13.97
CA VAL B 38 19.17 -15.08 -13.17
C VAL B 38 18.76 -14.17 -12.02
N THR B 39 17.55 -13.60 -12.12
CA THR B 39 17.25 -12.41 -11.33
C THR B 39 15.85 -12.42 -10.74
N ALA B 40 15.64 -11.59 -9.72
CA ALA B 40 14.31 -11.31 -9.18
C ALA B 40 13.54 -10.34 -10.08
N LYS B 41 14.23 -9.71 -11.03
CA LYS B 41 13.62 -8.68 -11.87
C LYS B 41 12.63 -9.26 -12.88
N THR B 42 11.73 -8.41 -13.38
CA THR B 42 10.76 -8.85 -14.38
C THR B 42 11.38 -8.78 -15.76
N ARG B 43 10.73 -9.45 -16.72
CA ARG B 43 11.15 -9.38 -18.10
C ARG B 43 11.28 -7.95 -18.62
N LYS B 44 10.35 -7.08 -18.27
CA LYS B 44 10.41 -5.69 -18.72
C LYS B 44 11.66 -4.97 -18.20
N GLU B 45 12.03 -5.27 -16.97
CA GLU B 45 13.24 -4.71 -16.38
C GLU B 45 14.49 -5.22 -17.10
N VAL B 46 14.54 -6.52 -17.36
CA VAL B 46 15.70 -7.12 -18.00
C VAL B 46 15.88 -6.56 -19.40
N GLU B 47 14.77 -6.38 -20.11
CA GLU B 47 14.82 -5.79 -21.44
C GLU B 47 15.33 -4.35 -21.40
N ALA B 48 14.93 -3.61 -20.38
CA ALA B 48 15.33 -2.22 -20.26
C ALA B 48 16.82 -2.09 -19.98
N LEU B 49 17.45 -3.19 -19.56
CA LEU B 49 18.89 -3.19 -19.36
C LEU B 49 19.60 -3.58 -20.64
N GLY B 50 18.81 -3.91 -21.66
CA GLY B 50 19.36 -4.28 -22.96
C GLY B 50 19.81 -5.72 -23.05
N LEU B 51 19.47 -6.51 -22.03
CA LEU B 51 19.88 -7.90 -21.97
C LEU B 51 19.01 -8.79 -22.85
N GLU B 52 19.66 -9.78 -23.48
CA GLU B 52 19.00 -10.66 -24.41
C GLU B 52 18.91 -12.06 -23.84
N PRO B 53 17.92 -12.83 -24.29
CA PRO B 53 17.75 -14.21 -23.84
C PRO B 53 18.90 -15.08 -24.34
N PRO B 54 19.16 -16.22 -23.67
CA PRO B 54 18.32 -16.68 -22.57
C PRO B 54 18.56 -15.91 -21.26
N PHE B 55 17.47 -15.71 -20.53
CA PHE B 55 17.55 -15.18 -19.17
C PHE B 55 16.40 -15.71 -18.31
N ILE B 56 16.59 -15.65 -17.00
CA ILE B 56 15.64 -16.20 -16.05
C ILE B 56 15.16 -15.06 -15.16
N VAL B 57 13.84 -14.85 -15.12
CA VAL B 57 13.24 -13.71 -14.43
C VAL B 57 12.50 -14.14 -13.17
N GLU B 58 12.17 -13.14 -12.34
CA GLU B 58 11.33 -13.34 -11.17
C GLU B 58 11.66 -14.59 -10.35
N ASN B 59 12.92 -14.66 -9.91
CA ASN B 59 13.37 -15.71 -9.00
C ASN B 59 13.19 -17.12 -9.52
N GLY B 60 13.17 -17.26 -10.84
CA GLY B 60 13.12 -18.57 -11.46
C GLY B 60 11.72 -18.91 -11.94
N GLY B 61 10.79 -17.97 -11.79
CA GLY B 61 9.43 -18.19 -12.25
C GLY B 61 9.29 -18.38 -13.75
N GLY B 62 10.13 -17.68 -14.51
CA GLY B 62 10.06 -17.76 -15.95
C GLY B 62 11.44 -17.88 -16.58
N LEU B 63 11.55 -18.74 -17.58
CA LEU B 63 12.78 -18.92 -18.32
C LEU B 63 12.51 -18.42 -19.73
N TYR B 64 13.21 -17.36 -20.14
CA TYR B 64 13.01 -16.80 -21.47
C TYR B 64 14.08 -17.28 -22.45
N LEU B 65 13.66 -17.86 -23.58
CA LEU B 65 14.57 -18.34 -24.62
C LEU B 65 14.40 -17.50 -25.87
N PRO B 66 15.48 -17.34 -26.65
CA PRO B 66 15.38 -16.73 -27.99
C PRO B 66 14.38 -17.51 -28.84
N ARG B 67 13.61 -16.81 -29.67
CA ARG B 67 12.60 -17.45 -30.51
C ARG B 67 13.16 -18.61 -31.34
N ASP B 68 14.41 -18.48 -31.78
CA ASP B 68 15.02 -19.53 -32.61
C ASP B 68 15.90 -20.52 -31.85
N TRP B 69 15.67 -20.64 -30.54
CA TRP B 69 16.40 -21.62 -29.74
C TRP B 69 16.34 -22.97 -30.44
N PRO B 70 17.48 -23.64 -30.54
CA PRO B 70 17.56 -24.90 -31.31
C PRO B 70 16.79 -26.02 -30.65
N VAL B 71 16.60 -25.97 -29.33
CA VAL B 71 15.81 -26.97 -28.63
C VAL B 71 14.40 -26.44 -28.39
N ARG B 72 13.39 -27.11 -28.95
CA ARG B 72 12.04 -26.60 -28.83
C ARG B 72 11.49 -26.81 -27.42
N ALA B 73 11.11 -25.70 -26.78
CA ALA B 73 10.48 -25.74 -25.47
C ALA B 73 9.67 -24.47 -25.24
N GLY B 74 8.74 -24.52 -24.27
CA GLY B 74 7.95 -23.37 -23.92
C GLY B 74 6.97 -22.97 -25.00
N ARG B 75 6.34 -21.80 -24.81
CA ARG B 75 5.37 -21.32 -25.77
C ARG B 75 5.82 -19.97 -26.30
N PRO B 76 5.51 -19.68 -27.57
CA PRO B 76 5.91 -18.39 -28.14
C PRO B 76 5.23 -17.25 -27.39
N LYS B 77 6.02 -16.33 -26.85
CA LYS B 77 5.46 -15.15 -26.21
C LYS B 77 5.79 -13.92 -27.04
N GLY B 78 6.13 -14.16 -28.30
CA GLY B 78 6.49 -13.10 -29.22
C GLY B 78 7.95 -12.75 -29.12
N GLY B 79 8.70 -13.03 -30.18
CA GLY B 79 10.13 -12.77 -30.22
C GLY B 79 10.90 -13.70 -29.29
N TYR B 80 10.21 -14.19 -28.27
CA TYR B 80 10.78 -15.13 -27.31
C TYR B 80 10.03 -16.44 -27.36
N ARG B 81 10.57 -17.42 -26.64
CA ARG B 81 9.76 -18.54 -26.18
C ARG B 81 9.92 -18.57 -24.66
N VAL B 82 8.81 -18.78 -23.97
CA VAL B 82 8.81 -18.75 -22.51
C VAL B 82 8.45 -20.09 -21.87
N VAL B 83 9.29 -20.55 -20.96
CA VAL B 83 9.00 -21.72 -20.16
C VAL B 83 8.54 -21.27 -18.77
N SER B 84 7.24 -21.38 -18.52
CA SER B 84 6.66 -20.97 -17.24
C SER B 84 6.86 -22.06 -16.20
N LEU B 85 7.59 -21.73 -15.14
CA LEU B 85 7.91 -22.70 -14.12
C LEU B 85 7.03 -22.54 -12.86
N ALA B 86 6.54 -21.33 -12.64
CA ALA B 86 5.83 -21.01 -11.40
C ALA B 86 4.37 -20.62 -11.67
N TRP B 87 3.54 -20.58 -10.62
CA TRP B 87 2.17 -20.05 -10.75
C TRP B 87 2.24 -18.65 -11.32
N PRO B 88 1.21 -18.26 -12.08
CA PRO B 88 1.12 -16.86 -12.52
C PRO B 88 0.84 -15.93 -11.34
N TYR B 89 1.24 -14.67 -11.52
CA TYR B 89 1.09 -13.62 -10.52
C TYR B 89 -0.34 -13.52 -10.00
N ARG B 90 -1.33 -13.61 -10.90
CA ARG B 90 -2.72 -13.43 -10.45
C ARG B 90 -3.08 -14.45 -9.38
N LYS B 91 -2.54 -15.67 -9.52
CA LYS B 91 -2.83 -16.71 -8.55
C LYS B 91 -2.10 -16.51 -7.24
N VAL B 92 -0.84 -16.08 -7.32
CA VAL B 92 -0.12 -15.70 -6.13
C VAL B 92 -0.85 -14.59 -5.39
N ARG B 93 -1.27 -13.55 -6.12
CA ARG B 93 -1.98 -12.44 -5.50
C ARG B 93 -3.28 -12.89 -4.82
N ALA B 94 -4.07 -13.73 -5.47
CA ALA B 94 -5.28 -14.28 -4.85
C ALA B 94 -4.97 -15.03 -3.56
N ARG B 95 -3.94 -15.87 -3.61
CA ARG B 95 -3.58 -16.67 -2.45
C ARG B 95 -3.05 -15.77 -1.31
N LEU B 96 -2.37 -14.69 -1.66
CA LEU B 96 -1.94 -13.69 -0.67
C LEU B 96 -3.11 -13.10 0.12
N ARG B 97 -4.26 -12.96 -0.52
CA ARG B 97 -5.44 -12.46 0.19
C ARG B 97 -5.81 -13.39 1.32
N GLU B 98 -5.67 -14.69 1.07
CA GLU B 98 -5.94 -15.69 2.09
C GLU B 98 -4.91 -15.68 3.23
N ALA B 99 -3.64 -15.47 2.87
CA ALA B 99 -2.60 -15.31 3.88
C ALA B 99 -2.93 -14.08 4.75
N GLU B 100 -3.33 -12.99 4.11
CA GLU B 100 -3.65 -11.77 4.86
C GLU B 100 -4.81 -11.97 5.85
N ALA B 101 -5.83 -12.70 5.42
CA ALA B 101 -6.95 -12.99 6.29
C ALA B 101 -6.47 -13.83 7.46
N LEU B 102 -5.61 -14.80 7.19
CA LEU B 102 -5.07 -15.64 8.24
C LEU B 102 -4.24 -14.82 9.23
N ALA B 103 -3.37 -13.97 8.70
CA ALA B 103 -2.46 -13.18 9.52
C ALA B 103 -3.18 -12.08 10.33
N GLY B 104 -4.35 -11.67 9.86
CA GLY B 104 -5.10 -10.61 10.53
C GLY B 104 -4.47 -9.24 10.48
N ARG B 105 -3.55 -9.04 9.55
CA ARG B 105 -2.89 -7.75 9.37
C ARG B 105 -2.69 -7.62 7.88
N PRO B 106 -2.60 -6.38 7.38
CA PRO B 106 -2.34 -6.15 5.96
C PRO B 106 -1.05 -6.80 5.51
N ILE B 107 -1.07 -7.39 4.31
CA ILE B 107 0.16 -7.86 3.68
C ILE B 107 0.18 -7.14 2.34
N LEU B 108 1.03 -6.14 2.24
CA LEU B 108 1.07 -5.31 1.05
C LEU B 108 2.18 -5.76 0.12
N GLY B 109 1.91 -5.70 -1.17
CA GLY B 109 2.96 -5.99 -2.16
C GLY B 109 2.88 -4.98 -3.28
N TYR B 110 3.78 -5.07 -4.26
CA TYR B 110 3.79 -4.12 -5.35
C TYR B 110 2.43 -4.01 -6.03
N GLY B 111 1.75 -5.13 -6.16
CA GLY B 111 0.44 -5.13 -6.82
C GLY B 111 -0.58 -4.22 -6.13
N ASP B 112 -0.36 -3.92 -4.84
CA ASP B 112 -1.27 -3.02 -4.07
C ASP B 112 -0.87 -1.54 -4.20
N LEU B 113 0.30 -1.28 -4.74
CA LEU B 113 0.93 0.04 -4.68
C LEU B 113 0.98 0.71 -6.03
N THR B 114 0.91 2.03 -6.03
CA THR B 114 1.08 2.76 -7.27
C THR B 114 2.54 2.72 -7.73
N ALA B 115 2.75 3.00 -9.00
CA ALA B 115 4.09 3.09 -9.52
C ALA B 115 4.83 4.18 -8.77
N GLU B 116 4.14 5.26 -8.47
CA GLU B 116 4.77 6.35 -7.73
C GLU B 116 5.23 5.90 -6.33
N ALA B 117 4.40 5.09 -5.67
CA ALA B 117 4.74 4.56 -4.35
C ALA B 117 5.95 3.62 -4.42
N VAL B 118 5.94 2.74 -5.41
CA VAL B 118 7.03 1.79 -5.60
C VAL B 118 8.33 2.54 -5.89
N ALA B 119 8.24 3.59 -6.70
CA ALA B 119 9.40 4.42 -7.04
C ALA B 119 9.99 5.03 -5.77
N ARG B 120 9.11 5.58 -4.93
CA ARG B 120 9.55 6.16 -3.68
C ARG B 120 10.18 5.12 -2.74
N LEU B 121 9.65 3.89 -2.74
CA LEU B 121 10.15 2.82 -1.86
C LEU B 121 11.45 2.19 -2.33
N THR B 122 11.69 2.22 -3.63
CA THR B 122 12.79 1.47 -4.21
C THR B 122 13.93 2.36 -4.66
N GLY B 123 13.66 3.66 -4.78
CA GLY B 123 14.63 4.60 -5.29
C GLY B 123 14.65 4.62 -6.81
N LEU B 124 13.81 3.80 -7.43
CA LEU B 124 13.71 3.76 -8.88
C LEU B 124 12.96 4.96 -9.42
N SER B 125 13.19 5.28 -10.70
CA SER B 125 12.39 6.30 -11.38
C SER B 125 10.97 5.77 -11.55
N ARG B 126 10.06 6.65 -11.96
CA ARG B 126 8.67 6.26 -12.19
CA ARG B 126 8.68 6.26 -12.19
C ARG B 126 8.59 5.17 -13.26
N GLU B 127 9.34 5.35 -14.34
CA GLU B 127 9.35 4.37 -15.42
C GLU B 127 9.89 3.02 -14.98
N ALA B 128 11.04 3.04 -14.29
CA ALA B 128 11.60 1.81 -13.76
C ALA B 128 10.61 1.10 -12.83
N ALA B 129 9.87 1.88 -12.06
CA ALA B 129 8.89 1.32 -11.11
C ALA B 129 7.78 0.59 -11.84
N ARG B 130 7.29 1.17 -12.93
CA ARG B 130 6.29 0.51 -13.76
C ARG B 130 6.75 -0.84 -14.27
N ARG B 131 8.02 -0.91 -14.69
CA ARG B 131 8.58 -2.17 -15.17
C ARG B 131 8.74 -3.19 -14.02
N ALA B 132 9.12 -2.71 -12.84
CA ALA B 132 9.17 -3.59 -11.65
C ALA B 132 7.80 -4.10 -11.22
N LYS B 133 6.75 -3.34 -11.55
CA LYS B 133 5.39 -3.73 -11.19
C LYS B 133 4.77 -4.68 -12.22
N ALA B 134 5.43 -4.85 -13.34
CA ALA B 134 4.90 -5.66 -14.43
C ALA B 134 5.27 -7.12 -14.21
N ARG B 135 4.73 -7.70 -13.14
CA ARG B 135 5.19 -9.01 -12.69
C ARG B 135 4.32 -10.14 -13.24
N GLU B 136 4.95 -11.25 -13.62
CA GLU B 136 4.24 -12.36 -14.24
C GLU B 136 4.08 -13.55 -13.32
N TYR B 137 4.98 -13.66 -12.33
CA TYR B 137 5.00 -14.84 -11.47
C TYR B 137 5.06 -14.52 -9.98
N ASP B 138 6.01 -13.67 -9.62
CA ASP B 138 6.47 -13.49 -8.24
C ASP B 138 5.93 -12.14 -7.71
N GLU B 139 5.54 -12.08 -6.44
CA GLU B 139 5.15 -10.78 -5.85
C GLU B 139 6.23 -10.27 -4.92
N THR B 140 6.52 -8.98 -5.02
CA THR B 140 7.45 -8.35 -4.09
C THR B 140 6.63 -7.78 -2.94
N LEU B 141 6.96 -8.23 -1.74
CA LEU B 141 6.22 -7.82 -0.55
C LEU B 141 6.86 -6.62 0.13
N VAL B 142 6.03 -5.82 0.77
CA VAL B 142 6.53 -4.68 1.52
C VAL B 142 6.11 -4.87 2.97
N LEU B 143 6.98 -5.50 3.76
CA LEU B 143 6.55 -6.00 5.08
C LEU B 143 7.12 -5.18 6.22
N CYS B 144 6.34 -5.04 7.30
CA CYS B 144 6.87 -4.49 8.54
C CYS B 144 7.86 -5.50 9.12
N PRO B 145 9.09 -5.07 9.40
CA PRO B 145 10.14 -5.91 9.99
C PRO B 145 9.65 -6.76 11.17
N GLU B 146 8.85 -6.16 12.06
CA GLU B 146 8.34 -6.85 13.23
C GLU B 146 7.25 -7.88 12.90
N GLU B 147 6.63 -7.76 11.73
CA GLU B 147 5.57 -8.68 11.33
C GLU B 147 6.04 -9.81 10.42
N VAL B 148 7.32 -9.79 10.05
CA VAL B 148 7.86 -10.74 9.08
C VAL B 148 7.60 -12.20 9.49
N GLU B 149 7.91 -12.53 10.73
CA GLU B 149 7.68 -13.89 11.23
C GLU B 149 6.24 -14.38 11.04
N ALA B 150 5.27 -13.59 11.49
CA ALA B 150 3.86 -13.97 11.37
C ALA B 150 3.47 -14.07 9.90
N VAL B 151 3.94 -13.14 9.09
CA VAL B 151 3.58 -13.12 7.67
C VAL B 151 4.12 -14.34 6.95
N LEU B 152 5.38 -14.67 7.19
CA LEU B 152 5.96 -15.80 6.50
C LEU B 152 5.26 -17.10 6.87
N GLU B 153 4.84 -17.23 8.12
CA GLU B 153 4.12 -18.43 8.54
C GLU B 153 2.75 -18.51 7.85
N ALA B 154 2.10 -17.36 7.70
CA ALA B 154 0.82 -17.31 7.00
C ALA B 154 0.98 -17.68 5.51
N LEU B 155 2.08 -17.25 4.88
CA LEU B 155 2.35 -17.65 3.50
C LEU B 155 2.48 -19.16 3.38
N GLU B 156 3.28 -19.75 4.26
CA GLU B 156 3.43 -21.20 4.29
C GLU B 156 2.11 -21.92 4.55
N ALA B 157 1.33 -21.41 5.49
CA ALA B 157 0.04 -22.00 5.82
C ALA B 157 -0.90 -22.07 4.61
N VAL B 158 -0.81 -21.11 3.70
CA VAL B 158 -1.74 -21.09 2.57
C VAL B 158 -1.10 -21.64 1.29
N GLY B 159 0.11 -22.18 1.40
CA GLY B 159 0.71 -22.89 0.29
C GLY B 159 1.61 -22.05 -0.61
N LEU B 160 1.96 -20.84 -0.17
CA LEU B 160 2.92 -20.02 -0.89
C LEU B 160 4.34 -20.28 -0.40
N GLU B 161 5.30 -19.92 -1.22
CA GLU B 161 6.70 -20.00 -0.84
C GLU B 161 7.24 -18.58 -0.76
N TRP B 162 8.28 -18.37 0.04
CA TRP B 162 8.82 -17.04 0.16
C TRP B 162 10.33 -17.09 0.01
N THR B 163 10.90 -15.96 -0.39
CA THR B 163 12.36 -15.82 -0.39
C THR B 163 12.71 -14.36 -0.14
N HIS B 164 13.99 -14.03 -0.13
CA HIS B 164 14.37 -12.63 0.07
C HIS B 164 15.37 -12.28 -1.01
N GLY B 165 15.19 -11.13 -1.64
CA GLY B 165 16.02 -10.79 -2.79
C GLY B 165 17.17 -9.84 -2.54
N GLY B 166 17.36 -9.45 -1.28
CA GLY B 166 18.39 -8.46 -0.97
C GLY B 166 17.84 -7.29 -0.19
N ARG B 167 16.67 -6.80 -0.58
CA ARG B 167 15.99 -5.73 0.16
C ARG B 167 14.55 -6.10 0.55
N PHE B 168 13.87 -6.86 -0.30
CA PHE B 168 12.47 -7.20 -0.06
C PHE B 168 12.25 -8.70 0.03
N TYR B 169 11.23 -9.11 0.78
CA TYR B 169 10.70 -10.47 0.70
C TYR B 169 9.85 -10.63 -0.56
N HIS B 170 9.83 -11.84 -1.07
CA HIS B 170 9.02 -12.17 -2.24
C HIS B 170 8.12 -13.36 -1.95
N ALA B 171 6.97 -13.40 -2.60
CA ALA B 171 6.07 -14.54 -2.49
C ALA B 171 5.81 -15.11 -3.88
N ALA B 172 5.78 -16.43 -3.98
CA ALA B 172 5.57 -17.10 -5.26
C ALA B 172 5.25 -18.56 -5.00
N LYS B 173 5.01 -19.32 -6.06
CA LYS B 173 4.90 -20.76 -5.93
C LYS B 173 5.54 -21.44 -7.14
N GLY B 174 6.61 -22.18 -6.91
CA GLY B 174 7.31 -22.87 -7.97
C GLY B 174 8.43 -22.08 -8.61
N ALA B 175 8.69 -20.88 -8.08
CA ALA B 175 9.78 -20.05 -8.55
C ALA B 175 11.02 -20.33 -7.73
N ASP B 176 12.02 -20.96 -8.36
CA ASP B 176 13.25 -21.29 -7.67
C ASP B 176 14.39 -21.07 -8.65
N LYS B 177 15.39 -20.28 -8.27
CA LYS B 177 16.51 -20.03 -9.20
C LYS B 177 17.22 -21.31 -9.63
N GLY B 178 17.36 -22.26 -8.71
CA GLY B 178 18.09 -23.48 -9.01
C GLY B 178 17.31 -24.36 -9.97
N ARG B 179 15.99 -24.38 -9.82
CA ARG B 179 15.17 -25.20 -10.69
C ARG B 179 15.20 -24.67 -12.11
N ALA B 180 15.14 -23.36 -12.23
CA ALA B 180 15.22 -22.70 -13.53
C ALA B 180 16.59 -22.88 -14.20
N VAL B 181 17.66 -22.81 -13.41
CA VAL B 181 18.98 -23.01 -13.98
C VAL B 181 19.12 -24.45 -14.48
N ALA B 182 18.64 -25.40 -13.68
CA ALA B 182 18.71 -26.80 -14.10
C ALA B 182 17.94 -27.03 -15.40
N ARG B 183 16.74 -26.46 -15.50
CA ARG B 183 15.95 -26.58 -16.72
C ARG B 183 16.66 -25.98 -17.94
N LEU B 184 17.24 -24.79 -17.79
CA LEU B 184 17.94 -24.13 -18.88
C LEU B 184 19.14 -24.97 -19.33
N ARG B 185 19.87 -25.50 -18.37
CA ARG B 185 21.00 -26.38 -18.71
C ARG B 185 20.53 -27.60 -19.50
N ALA B 186 19.41 -28.19 -19.11
CA ALA B 186 18.90 -29.36 -19.81
C ALA B 186 18.43 -29.01 -21.22
N LEU B 187 18.11 -27.75 -21.44
CA LEU B 187 17.66 -27.27 -22.75
C LEU B 187 18.78 -26.66 -23.57
N TRP B 188 20.01 -26.78 -23.09
CA TRP B 188 21.12 -26.12 -23.75
C TRP B 188 21.45 -26.91 -25.02
N PRO B 189 21.69 -26.19 -26.13
CA PRO B 189 22.02 -26.76 -27.44
C PRO B 189 23.30 -27.58 -27.43
N ASP B 190 24.31 -27.12 -26.70
CA ASP B 190 25.58 -27.84 -26.61
C ASP B 190 25.79 -28.42 -25.21
N PRO B 191 25.57 -29.74 -25.08
CA PRO B 191 25.71 -30.44 -23.80
C PRO B 191 27.06 -30.20 -23.15
N GLU B 192 28.12 -30.23 -23.95
CA GLU B 192 29.45 -30.01 -23.41
C GLU B 192 29.58 -28.61 -22.83
N GLU B 193 28.93 -27.62 -23.47
CA GLU B 193 29.06 -26.26 -23.00
C GLU B 193 28.35 -26.06 -21.66
N ALA B 194 27.24 -26.77 -21.46
CA ALA B 194 26.46 -26.63 -20.23
C ALA B 194 26.95 -27.55 -19.12
N ARG B 195 27.92 -28.39 -19.42
CA ARG B 195 28.40 -29.39 -18.48
C ARG B 195 28.99 -28.76 -17.22
N PHE B 196 29.65 -27.63 -17.39
CA PHE B 196 30.24 -26.93 -16.25
C PHE B 196 29.58 -25.56 -16.07
N ALA B 197 28.91 -25.38 -14.94
CA ALA B 197 28.17 -24.14 -14.70
C ALA B 197 28.73 -23.33 -13.53
N VAL B 198 28.77 -22.01 -13.71
CA VAL B 198 29.21 -21.09 -12.67
C VAL B 198 28.01 -20.24 -12.24
N GLY B 199 27.91 -19.96 -10.94
CA GLY B 199 26.85 -19.11 -10.42
C GLY B 199 27.37 -18.01 -9.50
N LEU B 200 26.98 -16.77 -9.77
CA LEU B 200 27.36 -15.65 -8.92
C LEU B 200 26.12 -14.95 -8.39
N GLY B 201 26.14 -14.57 -7.12
CA GLY B 201 24.99 -13.93 -6.53
C GLY B 201 25.33 -13.38 -5.17
N ASP B 202 24.33 -12.84 -4.47
CA ASP B 202 24.60 -12.17 -3.21
C ASP B 202 23.46 -12.21 -2.21
N SER B 203 22.33 -12.80 -2.58
CA SER B 203 21.17 -12.76 -1.71
C SER B 203 20.59 -14.14 -1.41
N LEU B 204 19.63 -14.19 -0.50
CA LEU B 204 19.01 -15.45 -0.09
C LEU B 204 18.42 -16.20 -1.27
N ASN B 205 17.81 -15.46 -2.20
CA ASN B 205 17.24 -16.11 -3.39
C ASN B 205 18.29 -16.79 -4.29
N ASP B 206 19.57 -16.58 -3.97
CA ASP B 206 20.65 -17.20 -4.74
C ASP B 206 21.20 -18.54 -4.18
N LEU B 207 20.80 -18.92 -2.97
CA LEU B 207 21.23 -20.21 -2.42
C LEU B 207 20.82 -21.39 -3.29
N PRO B 208 19.59 -21.34 -3.84
CA PRO B 208 19.22 -22.39 -4.80
C PRO B 208 20.07 -22.30 -6.08
N LEU B 209 20.49 -21.10 -6.45
CA LEU B 209 21.40 -20.93 -7.60
C LEU B 209 22.76 -21.57 -7.30
N PHE B 210 23.34 -21.25 -6.15
CA PHE B 210 24.64 -21.83 -5.78
C PHE B 210 24.63 -23.35 -5.78
N ARG B 211 23.50 -23.95 -5.42
CA ARG B 211 23.40 -25.42 -5.36
C ARG B 211 23.18 -26.06 -6.75
N ALA B 212 22.70 -25.28 -7.71
CA ALA B 212 22.44 -25.80 -9.04
C ALA B 212 23.65 -25.66 -9.95
N VAL B 213 24.72 -25.05 -9.46
CA VAL B 213 25.91 -24.88 -10.28
C VAL B 213 27.10 -25.67 -9.76
N ASP B 214 28.14 -25.74 -10.58
CA ASP B 214 29.33 -26.51 -10.25
C ASP B 214 30.36 -25.65 -9.52
N LEU B 215 30.38 -24.36 -9.82
CA LEU B 215 31.23 -23.43 -9.10
C LEU B 215 30.44 -22.20 -8.65
N ALA B 216 30.29 -22.03 -7.35
CA ALA B 216 29.50 -20.94 -6.80
C ALA B 216 30.37 -19.83 -6.22
N VAL B 217 30.02 -18.58 -6.53
CA VAL B 217 30.77 -17.45 -6.02
C VAL B 217 29.82 -16.42 -5.45
N TYR B 218 30.14 -15.99 -4.23
CA TYR B 218 29.32 -15.04 -3.51
C TYR B 218 29.96 -13.67 -3.56
N VAL B 219 29.20 -12.67 -4.00
CA VAL B 219 29.74 -11.31 -4.08
C VAL B 219 28.91 -10.32 -3.25
N GLY B 220 28.23 -10.83 -2.24
CA GLY B 220 27.50 -9.98 -1.31
C GLY B 220 28.37 -9.51 -0.15
N ARG B 221 27.75 -8.85 0.81
CA ARG B 221 28.47 -8.38 1.99
C ARG B 221 28.41 -9.41 3.11
N GLY B 222 29.44 -9.43 3.96
CA GLY B 222 29.48 -10.35 5.06
C GLY B 222 30.04 -11.70 4.67
N ASP B 223 29.75 -12.72 5.47
CA ASP B 223 30.31 -14.07 5.29
C ASP B 223 29.58 -14.84 4.20
N PRO B 224 30.33 -15.64 3.42
CA PRO B 224 29.72 -16.46 2.37
C PRO B 224 28.88 -17.58 2.97
N PRO B 225 27.88 -18.05 2.22
CA PRO B 225 27.11 -19.24 2.58
C PRO B 225 28.04 -20.44 2.72
N GLU B 226 27.52 -21.53 3.29
CA GLU B 226 28.34 -22.70 3.58
C GLU B 226 29.13 -23.20 2.36
N GLY B 227 30.46 -23.15 2.47
CA GLY B 227 31.33 -23.72 1.46
C GLY B 227 31.22 -23.11 0.07
N VAL B 228 30.86 -21.83 0.01
CA VAL B 228 30.81 -21.12 -1.25
C VAL B 228 31.98 -20.14 -1.33
N LEU B 229 32.53 -19.98 -2.52
CA LEU B 229 33.67 -19.08 -2.74
C LEU B 229 33.32 -17.61 -2.50
N ALA B 230 34.33 -16.83 -2.10
CA ALA B 230 34.15 -15.41 -1.82
C ALA B 230 35.09 -14.52 -2.64
N THR B 231 34.81 -13.22 -2.64
CA THR B 231 35.67 -12.24 -3.30
C THR B 231 36.04 -11.14 -2.30
N PRO B 232 37.15 -10.42 -2.56
CA PRO B 232 37.61 -9.34 -1.67
C PRO B 232 36.69 -8.11 -1.65
N ALA B 233 35.92 -7.93 -2.72
CA ALA B 233 35.01 -6.80 -2.82
C ALA B 233 33.66 -7.24 -3.37
N PRO B 234 32.57 -6.63 -2.88
CA PRO B 234 31.21 -6.99 -3.27
C PRO B 234 30.79 -6.42 -4.64
N GLY B 235 29.67 -6.91 -5.16
CA GLY B 235 29.08 -6.37 -6.37
C GLY B 235 29.90 -6.65 -7.61
N PRO B 236 29.82 -5.74 -8.60
CA PRO B 236 30.57 -5.82 -9.86
C PRO B 236 32.08 -5.99 -9.71
N GLU B 237 32.71 -5.35 -8.73
CA GLU B 237 34.15 -5.55 -8.52
C GLU B 237 34.43 -6.98 -8.08
N GLY B 238 33.49 -7.59 -7.37
CA GLY B 238 33.61 -8.99 -7.02
C GLY B 238 33.42 -9.85 -8.26
N PHE B 239 32.49 -9.44 -9.12
CA PHE B 239 32.24 -10.17 -10.36
C PHE B 239 33.49 -10.17 -11.23
N ARG B 240 34.13 -9.00 -11.34
CA ARG B 240 35.33 -8.85 -12.18
C ARG B 240 36.44 -9.75 -11.65
N TYR B 241 36.64 -9.71 -10.34
CA TYR B 241 37.67 -10.50 -9.67
C TYR B 241 37.47 -11.99 -9.95
N ALA B 242 36.24 -12.46 -9.78
CA ALA B 242 35.92 -13.86 -10.00
C ALA B 242 36.18 -14.27 -11.44
N VAL B 243 35.82 -13.42 -12.39
CA VAL B 243 36.06 -13.71 -13.79
C VAL B 243 37.56 -13.83 -14.05
N GLU B 244 38.32 -12.87 -13.54
CA GLU B 244 39.75 -12.86 -13.81
C GLU B 244 40.49 -13.96 -13.05
N ARG B 245 40.07 -14.22 -11.82
CA ARG B 245 40.83 -15.10 -10.93
C ARG B 245 40.34 -16.55 -10.89
N TYR B 246 39.04 -16.75 -11.07
CA TYR B 246 38.42 -18.08 -10.99
C TYR B 246 38.07 -18.68 -12.36
N LEU B 247 37.61 -17.84 -13.29
CA LEU B 247 37.09 -18.34 -14.56
C LEU B 247 38.11 -18.44 -15.69
N LEU B 248 38.84 -17.36 -15.94
CA LEU B 248 39.86 -17.38 -16.99
C LEU B 248 40.91 -18.47 -16.78
N PRO B 249 41.37 -18.67 -15.54
CA PRO B 249 42.35 -19.74 -15.30
C PRO B 249 41.75 -21.11 -15.56
N ARG B 250 40.42 -21.17 -15.60
CA ARG B 250 39.71 -22.42 -15.81
C ARG B 250 39.43 -22.63 -17.30
N LEU B 251 39.54 -21.56 -18.08
CA LEU B 251 39.23 -21.60 -19.50
C LEU B 251 40.46 -21.95 -20.33
N SER B 252 41.56 -22.22 -19.65
CA SER B 252 42.79 -22.62 -20.33
C SER B 252 43.09 -24.10 -20.12
N ARG B 253 42.24 -24.96 -20.39
MG MG C . -18.36 6.96 13.33
P PO4 D . -10.51 4.33 9.75
O1 PO4 D . -10.20 5.59 9.01
O2 PO4 D . -9.94 4.39 11.13
O3 PO4 D . -12.01 4.17 9.86
O4 PO4 D . -9.94 3.16 8.98
CL CL E . -18.83 8.92 9.62
MG MG F . 20.40 -9.96 -5.73
P PO3 G . 17.99 -9.72 -8.11
O1 PO3 G . 17.81 -11.18 -7.74
O2 PO3 G . 18.41 -9.43 -9.53
O3 PO3 G . 18.98 -9.04 -7.20
C1 2M8 H . 13.06 -6.52 -6.16
O1 2M8 H . 14.23 -7.33 -6.32
C22 2M8 H . 15.32 -6.97 -5.46
C23 2M8 H . 16.57 -7.68 -5.97
O13 2M8 H . 16.64 -7.51 -7.39
C21 2M8 H . 15.06 -7.34 -4.03
O1A 2M8 H . 14.21 -8.21 -3.78
O1B 2M8 H . 15.90 -6.97 -3.18
C2 2M8 H . 12.13 -6.80 -7.34
O2 2M8 H . 10.89 -6.13 -7.07
C3 2M8 H . 12.73 -6.29 -8.64
O3 2M8 H . 11.78 -6.43 -9.67
C4 2M8 H . 13.08 -4.80 -8.50
O4 2M8 H . 13.81 -4.33 -9.64
C5 2M8 H . 13.94 -4.54 -7.28
C6 2M8 H . 14.06 -3.04 -7.08
O6 2M8 H . 14.96 -2.81 -5.99
O5 2M8 H . 13.39 -5.12 -6.10
#